data_5ABX
#
_entry.id   5ABX
#
_cell.length_a   71.040
_cell.length_b   71.040
_cell.length_c   85.280
_cell.angle_alpha   90.00
_cell.angle_beta   90.00
_cell.angle_gamma   90.00
#
_symmetry.space_group_name_H-M   'P 41 21 2'
#
loop_
_entity.id
_entity.type
_entity.pdbx_description
1 polymer 'EUKARYOTIC TRANSLATION INITIATION FACTOR 4E-3'
2 polymer '4E-BINDING PROTEIN MEXTLI'
3 non-polymer "7-METHYL-GUANOSINE-5'-TRIPHOSPHATE"
4 non-polymer 'ZINC ION'
5 non-polymer 'CHLORIDE ION'
6 water water
#
loop_
_entity_poly.entity_id
_entity_poly.type
_entity_poly.pdbx_seq_one_letter_code
_entity_poly.pdbx_strand_id
1 'polypeptide(L)'
;GPHMTRHPLQNRWALWYLKADRNKEWEDCLKMVSLFDTVEDFWSLYNHIQSAGGLNWGSDYYLFKEGIKPMWEDVNNVQG
GRWLVVVDKQKLQRRTQLLDHYWLELLMAIVGEQFDEYGDYICGAVVNVRQKGDKVSLWTRDATRDDVNLRIGQVLKQKL
SIPDTEILRYEVHKDSSARTSSTVKPRICL
;
A
2 'polypeptide(L)' GPHMIRYNRDTLMTARDTKRAPIPDEMLQEINRVAPDILIA B
#
# COMPACT_ATOMS: atom_id res chain seq x y z
N THR A 5 -4.32 -15.63 20.14
CA THR A 5 -4.58 -14.23 19.81
C THR A 5 -4.73 -14.06 18.30
N ARG A 6 -5.94 -13.76 17.85
CA ARG A 6 -6.22 -13.53 16.44
C ARG A 6 -7.14 -12.33 16.25
N HIS A 7 -6.64 -11.35 15.50
CA HIS A 7 -7.38 -10.14 15.22
C HIS A 7 -7.64 -10.01 13.72
N PRO A 8 -8.84 -10.41 13.27
CA PRO A 8 -9.11 -10.35 11.83
C PRO A 8 -9.19 -8.95 11.28
N LEU A 9 -8.69 -8.78 10.06
CA LEU A 9 -8.87 -7.54 9.32
C LEU A 9 -10.19 -7.58 8.55
N GLN A 10 -10.72 -6.40 8.24
CA GLN A 10 -11.94 -6.32 7.45
C GLN A 10 -11.72 -6.93 6.07
N ASN A 11 -10.56 -6.66 5.49
CA ASN A 11 -10.24 -7.11 4.15
C ASN A 11 -9.03 -8.01 4.17
N ARG A 12 -8.92 -8.84 3.13
CA ARG A 12 -7.75 -9.64 2.90
C ARG A 12 -6.90 -8.87 1.90
N TRP A 13 -5.60 -8.76 2.18
CA TRP A 13 -4.69 -7.92 1.42
C TRP A 13 -3.58 -8.78 0.82
N ALA A 14 -3.11 -8.39 -0.35
CA ALA A 14 -1.99 -9.05 -1.00
C ALA A 14 -0.83 -8.09 -1.16
N LEU A 15 0.34 -8.52 -0.72
CA LEU A 15 1.58 -7.80 -1.00
C LEU A 15 2.13 -8.24 -2.35
N TRP A 16 2.36 -7.28 -3.24
CA TRP A 16 3.05 -7.54 -4.50
C TRP A 16 4.40 -6.84 -4.47
N TYR A 17 5.35 -7.39 -5.21
CA TYR A 17 6.71 -6.88 -5.28
C TYR A 17 7.10 -6.79 -6.75
N LEU A 18 7.70 -5.68 -7.13
CA LEU A 18 8.22 -5.50 -8.47
C LEU A 18 9.71 -5.25 -8.37
N LYS A 19 10.50 -6.13 -8.99
CA LYS A 19 11.94 -5.96 -9.08
C LYS A 19 12.26 -5.53 -10.50
N ALA A 20 12.93 -4.41 -10.63
CA ALA A 20 13.29 -3.89 -11.94
C ALA A 20 14.09 -4.93 -12.72
N ASP A 21 13.74 -5.06 -14.00
CA ASP A 21 14.44 -5.92 -14.95
C ASP A 21 14.28 -5.29 -16.33
N ARG A 22 15.37 -4.77 -16.89
CA ARG A 22 15.24 -4.04 -18.15
C ARG A 22 14.91 -4.94 -19.33
N ASN A 23 15.01 -6.25 -19.14
CA ASN A 23 14.68 -7.22 -20.18
C ASN A 23 13.32 -7.87 -20.03
N LYS A 24 12.46 -7.27 -19.21
CA LYS A 24 11.07 -7.72 -19.05
C LYS A 24 10.12 -6.56 -19.25
N GLU A 25 8.94 -6.84 -19.80
CA GLU A 25 7.86 -5.86 -19.78
C GLU A 25 7.46 -5.63 -18.34
N TRP A 26 6.92 -4.45 -18.06
CA TRP A 26 6.52 -4.04 -16.72
C TRP A 26 5.71 -5.09 -15.97
N GLU A 27 4.64 -5.58 -16.58
CA GLU A 27 3.76 -6.53 -15.90
C GLU A 27 4.48 -7.83 -15.54
N ASP A 28 5.54 -8.15 -16.27
CA ASP A 28 6.26 -9.39 -16.03
C ASP A 28 7.28 -9.27 -14.92
N CYS A 29 7.47 -8.06 -14.39
CA CYS A 29 8.32 -7.84 -13.22
C CYS A 29 7.54 -7.96 -11.92
N LEU A 30 6.22 -8.01 -12.05
CA LEU A 30 5.30 -7.93 -10.92
C LEU A 30 4.95 -9.33 -10.41
N LYS A 31 5.09 -9.53 -9.10
CA LYS A 31 4.80 -10.83 -8.49
C LYS A 31 3.98 -10.63 -7.23
N MET A 32 2.93 -11.44 -7.08
CA MET A 32 2.17 -11.49 -5.86
C MET A 32 2.91 -12.36 -4.83
N VAL A 33 3.26 -11.75 -3.70
CA VAL A 33 4.11 -12.40 -2.73
C VAL A 33 3.31 -13.18 -1.69
N SER A 34 2.44 -12.49 -0.96
CA SER A 34 1.71 -13.15 0.12
C SER A 34 0.42 -12.40 0.42
N LEU A 35 -0.59 -13.16 0.83
CA LEU A 35 -1.86 -12.60 1.29
C LEU A 35 -1.95 -12.73 2.81
N PHE A 36 -2.65 -11.81 3.44
CA PHE A 36 -2.88 -11.88 4.89
C PHE A 36 -4.21 -11.23 5.22
N ASP A 37 -4.79 -11.60 6.34
CA ASP A 37 -6.06 -11.03 6.72
C ASP A 37 -6.24 -10.97 8.25
N THR A 38 -5.11 -10.89 8.96
CA THR A 38 -5.12 -10.63 10.39
C THR A 38 -4.03 -9.64 10.73
N VAL A 39 -4.19 -9.00 11.87
CA VAL A 39 -3.18 -8.07 12.37
C VAL A 39 -1.87 -8.80 12.61
N GLU A 40 -1.96 -10.00 13.19
CA GLU A 40 -0.78 -10.77 13.52
C GLU A 40 0.02 -11.09 12.25
N ASP A 41 -0.68 -11.48 11.18
CA ASP A 41 0.02 -11.83 9.95
C ASP A 41 0.52 -10.56 9.23
N PHE A 42 -0.20 -9.46 9.35
CA PHE A 42 0.28 -8.17 8.83
C PHE A 42 1.66 -7.85 9.41
N TRP A 43 1.79 -7.91 10.74
CA TRP A 43 3.06 -7.57 11.37
C TRP A 43 4.14 -8.64 11.10
N SER A 44 3.76 -9.92 11.07
CA SER A 44 4.73 -10.95 10.71
C SER A 44 5.36 -10.69 9.35
N LEU A 45 4.52 -10.32 8.38
CA LEU A 45 5.00 -10.02 7.04
C LEU A 45 5.86 -8.76 7.04
N TYR A 46 5.33 -7.67 7.59
CA TYR A 46 6.04 -6.41 7.57
C TYR A 46 7.40 -6.54 8.29
N ASN A 47 7.42 -7.24 9.40
CA ASN A 47 8.64 -7.36 10.20
C ASN A 47 9.72 -8.24 9.58
N HIS A 48 9.37 -9.01 8.55
CA HIS A 48 10.31 -9.95 7.97
C HIS A 48 10.51 -9.75 6.46
N ILE A 49 10.24 -8.54 5.97
CA ILE A 49 10.62 -8.20 4.61
C ILE A 49 11.38 -6.87 4.61
N GLN A 50 12.17 -6.66 3.57
CA GLN A 50 12.94 -5.43 3.43
C GLN A 50 12.04 -4.20 3.53
N SER A 51 12.46 -3.23 4.34
CA SER A 51 11.74 -1.96 4.41
C SER A 51 11.79 -1.26 3.06
N ALA A 52 10.84 -0.37 2.81
CA ALA A 52 10.77 0.32 1.53
C ALA A 52 12.08 1.04 1.27
N GLY A 53 12.60 1.67 2.31
CA GLY A 53 13.85 2.39 2.23
C GLY A 53 15.05 1.51 1.91
N GLY A 54 14.93 0.21 2.16
CA GLY A 54 16.00 -0.73 1.89
C GLY A 54 15.92 -1.43 0.54
N LEU A 55 14.91 -1.09 -0.26
CA LEU A 55 14.76 -1.68 -1.59
C LEU A 55 15.72 -1.05 -2.59
N ASN A 56 16.16 -1.83 -3.56
CA ASN A 56 16.99 -1.32 -4.63
C ASN A 56 16.21 -0.35 -5.51
N TRP A 57 16.92 0.55 -6.19
CA TRP A 57 16.27 1.51 -7.06
C TRP A 57 15.50 0.81 -8.17
N GLY A 58 14.31 1.33 -8.48
CA GLY A 58 13.46 0.76 -9.50
C GLY A 58 12.50 -0.31 -9.01
N SER A 59 12.63 -0.69 -7.74
CA SER A 59 11.74 -1.68 -7.13
C SER A 59 10.52 -1.03 -6.51
N ASP A 60 9.42 -1.80 -6.43
CA ASP A 60 8.14 -1.35 -5.86
C ASP A 60 7.58 -2.36 -4.86
N TYR A 61 6.80 -1.86 -3.91
CA TYR A 61 5.83 -2.70 -3.21
C TYR A 61 4.42 -2.22 -3.55
N TYR A 62 3.48 -3.15 -3.60
CA TYR A 62 2.06 -2.85 -3.76
C TYR A 62 1.30 -3.60 -2.68
N LEU A 63 0.36 -2.94 -2.00
CA LEU A 63 -0.54 -3.67 -1.10
C LEU A 63 -1.95 -3.41 -1.58
N PHE A 64 -2.58 -4.45 -2.14
CA PHE A 64 -3.91 -4.30 -2.74
C PHE A 64 -4.87 -5.32 -2.21
N LYS A 65 -6.15 -4.94 -2.18
CA LYS A 65 -7.19 -5.85 -1.74
C LYS A 65 -7.18 -7.11 -2.58
N GLU A 66 -7.50 -8.23 -1.94
CA GLU A 66 -7.61 -9.51 -2.63
C GLU A 66 -8.49 -9.36 -3.85
N GLY A 67 -8.02 -9.87 -4.98
CA GLY A 67 -8.80 -9.84 -6.21
C GLY A 67 -8.57 -8.62 -7.07
N ILE A 68 -7.82 -7.64 -6.57
CA ILE A 68 -7.45 -6.48 -7.37
C ILE A 68 -5.99 -6.56 -7.75
N LYS A 69 -5.72 -6.67 -9.05
CA LYS A 69 -4.35 -6.59 -9.52
C LYS A 69 -3.90 -5.13 -9.49
N PRO A 70 -2.63 -4.88 -9.12
CA PRO A 70 -2.13 -3.51 -9.05
C PRO A 70 -1.72 -2.98 -10.42
N MET A 71 -2.72 -2.89 -11.30
CA MET A 71 -2.54 -2.48 -12.68
C MET A 71 -3.67 -1.53 -13.09
N TRP A 72 -3.34 -0.50 -13.86
CA TRP A 72 -4.34 0.40 -14.43
C TRP A 72 -5.42 -0.39 -15.16
N GLU A 73 -5.01 -1.49 -15.78
CA GLU A 73 -5.90 -2.29 -16.62
C GLU A 73 -6.89 -3.16 -15.84
N ASP A 74 -6.68 -3.33 -14.54
CA ASP A 74 -7.62 -4.09 -13.72
C ASP A 74 -8.97 -3.38 -13.70
N VAL A 75 -10.05 -4.15 -13.81
CA VAL A 75 -11.39 -3.55 -13.87
C VAL A 75 -11.67 -2.67 -12.65
N ASN A 76 -11.01 -2.95 -11.54
CA ASN A 76 -11.22 -2.21 -10.31
C ASN A 76 -10.48 -0.88 -10.28
N ASN A 77 -9.51 -0.73 -11.19
CA ASN A 77 -8.66 0.46 -11.25
C ASN A 77 -8.87 1.31 -12.49
N VAL A 78 -9.52 0.76 -13.50
CA VAL A 78 -9.50 1.37 -14.82
C VAL A 78 -10.16 2.76 -14.80
N GLN A 79 -11.21 2.93 -14.00
CA GLN A 79 -11.88 4.21 -13.85
C GLN A 79 -11.37 5.01 -12.64
N GLY A 80 -10.24 4.58 -12.09
CA GLY A 80 -9.72 5.14 -10.85
C GLY A 80 -8.52 6.04 -11.03
N GLY A 81 -7.85 6.31 -9.90
CA GLY A 81 -6.68 7.16 -9.89
C GLY A 81 -5.95 7.00 -8.59
N ARG A 82 -4.96 7.85 -8.36
CA ARG A 82 -4.12 7.77 -7.18
C ARG A 82 -3.85 9.13 -6.55
N TRP A 83 -3.80 9.16 -5.23
CA TRP A 83 -3.13 10.25 -4.52
C TRP A 83 -1.63 9.98 -4.53
N LEU A 84 -0.83 10.97 -4.92
CA LEU A 84 0.61 10.83 -5.04
C LEU A 84 1.36 11.69 -4.02
N VAL A 85 2.25 11.06 -3.26
CA VAL A 85 3.16 11.72 -2.34
C VAL A 85 4.58 11.53 -2.85
N VAL A 86 5.27 12.62 -3.19
CA VAL A 86 6.65 12.52 -3.61
C VAL A 86 7.57 12.80 -2.41
N VAL A 87 8.61 11.98 -2.28
CA VAL A 87 9.64 12.17 -1.26
C VAL A 87 10.95 12.63 -1.90
N ASP A 88 11.43 13.81 -1.48
CA ASP A 88 12.69 14.38 -1.97
C ASP A 88 12.62 14.64 -3.47
N THR A 96 15.57 8.31 4.29
CA THR A 96 15.04 6.96 4.20
C THR A 96 14.05 6.66 5.33
N GLN A 97 14.27 7.26 6.50
CA GLN A 97 13.33 7.04 7.60
C GLN A 97 11.99 7.67 7.27
N LEU A 98 11.98 8.80 6.56
CA LEU A 98 10.72 9.45 6.20
C LEU A 98 9.92 8.54 5.27
N LEU A 99 10.59 7.94 4.30
CA LEU A 99 9.92 7.06 3.35
C LEU A 99 9.31 5.86 4.08
N ASP A 100 10.10 5.24 4.95
CA ASP A 100 9.61 4.09 5.71
C ASP A 100 8.42 4.48 6.55
N HIS A 101 8.45 5.69 7.09
CA HIS A 101 7.35 6.20 7.89
C HIS A 101 6.09 6.41 7.05
N TYR A 102 6.23 7.03 5.89
CA TYR A 102 5.07 7.25 5.03
C TYR A 102 4.44 5.91 4.66
N TRP A 103 5.28 4.94 4.28
CA TRP A 103 4.78 3.65 3.82
C TRP A 103 4.07 2.92 4.95
N LEU A 104 4.69 2.82 6.12
CA LEU A 104 4.08 2.07 7.20
C LEU A 104 2.82 2.76 7.74
N GLU A 105 2.83 4.08 7.88
CA GLU A 105 1.62 4.78 8.30
C GLU A 105 0.47 4.54 7.33
N LEU A 106 0.78 4.53 6.03
CA LEU A 106 -0.24 4.29 5.02
C LEU A 106 -0.78 2.87 5.13
N LEU A 107 0.12 1.89 5.25
CA LEU A 107 -0.30 0.50 5.43
C LEU A 107 -1.21 0.36 6.64
N MET A 108 -0.82 0.95 7.78
CA MET A 108 -1.64 0.82 8.98
C MET A 108 -3.01 1.45 8.77
N ALA A 109 -3.05 2.60 8.09
CA ALA A 109 -4.32 3.28 7.85
C ALA A 109 -5.23 2.44 6.96
N ILE A 110 -4.68 1.76 5.96
CA ILE A 110 -5.54 1.01 5.05
CA ILE A 110 -5.50 0.99 5.05
C ILE A 110 -5.99 -0.32 5.67
N VAL A 111 -5.08 -1.08 6.28
CA VAL A 111 -5.51 -2.38 6.85
C VAL A 111 -6.37 -2.17 8.09
N GLY A 112 -6.16 -1.06 8.79
CA GLY A 112 -7.00 -0.71 9.93
C GLY A 112 -8.32 -0.04 9.57
N GLU A 113 -8.57 0.12 8.27
CA GLU A 113 -9.82 0.70 7.76
C GLU A 113 -10.09 2.08 8.36
N GLN A 114 -9.11 2.96 8.23
CA GLN A 114 -9.16 4.27 8.86
C GLN A 114 -9.69 5.37 7.94
N PHE A 115 -10.27 4.97 6.81
CA PHE A 115 -10.80 5.94 5.86
C PHE A 115 -12.33 6.04 5.99
N ASP A 116 -12.81 5.88 7.21
CA ASP A 116 -14.21 6.15 7.57
C ASP A 116 -15.17 5.36 6.67
N GLU A 117 -16.12 6.06 6.05
CA GLU A 117 -17.14 5.40 5.26
C GLU A 117 -16.71 5.16 3.81
N TYR A 118 -15.45 5.45 3.50
CA TYR A 118 -14.98 5.38 2.12
C TYR A 118 -14.01 4.22 1.87
N GLY A 119 -13.99 3.25 2.77
CA GLY A 119 -13.10 2.11 2.65
C GLY A 119 -13.29 1.29 1.38
N ASP A 120 -14.53 1.21 0.90
CA ASP A 120 -14.79 0.44 -0.32
C ASP A 120 -14.13 1.06 -1.56
N TYR A 121 -13.78 2.34 -1.47
CA TYR A 121 -13.16 3.03 -2.60
C TYR A 121 -11.63 2.88 -2.61
N ILE A 122 -11.08 2.30 -1.54
CA ILE A 122 -9.64 2.04 -1.46
C ILE A 122 -9.31 0.77 -2.25
N CYS A 123 -8.38 0.88 -3.19
CA CYS A 123 -7.89 -0.28 -3.93
C CYS A 123 -6.60 -0.84 -3.32
N GLY A 124 -5.64 0.04 -3.05
CA GLY A 124 -4.36 -0.37 -2.51
C GLY A 124 -3.36 0.77 -2.44
N ALA A 125 -2.18 0.47 -1.90
CA ALA A 125 -1.09 1.44 -1.79
C ALA A 125 0.13 0.99 -2.54
N VAL A 126 0.93 1.96 -2.96
CA VAL A 126 2.13 1.69 -3.76
C VAL A 126 3.30 2.52 -3.25
N VAL A 127 4.48 1.89 -3.13
CA VAL A 127 5.70 2.67 -2.94
C VAL A 127 6.69 2.34 -4.08
N ASN A 128 7.19 3.40 -4.72
CA ASN A 128 8.19 3.28 -5.76
C ASN A 128 9.51 3.83 -5.23
N VAL A 129 10.57 3.04 -5.29
CA VAL A 129 11.88 3.53 -4.89
C VAL A 129 12.64 3.95 -6.15
N ARG A 130 12.97 5.24 -6.23
CA ARG A 130 13.57 5.82 -7.43
C ARG A 130 14.62 6.86 -7.06
N GLN A 131 15.70 6.90 -7.83
CA GLN A 131 16.78 7.86 -7.60
C GLN A 131 16.28 9.30 -7.71
N LYS A 132 15.40 9.55 -8.67
CA LYS A 132 14.84 10.88 -8.88
C LYS A 132 14.00 11.35 -7.69
N GLY A 133 13.53 10.40 -6.88
CA GLY A 133 12.65 10.70 -5.78
C GLY A 133 11.67 9.56 -5.57
N ASP A 134 11.56 9.11 -4.33
CA ASP A 134 10.66 8.00 -4.01
C ASP A 134 9.21 8.49 -4.02
N LYS A 135 8.27 7.59 -4.30
CA LYS A 135 6.86 7.95 -4.35
C LYS A 135 6.05 6.97 -3.50
N VAL A 136 5.08 7.52 -2.79
CA VAL A 136 4.08 6.74 -2.07
C VAL A 136 2.72 7.14 -2.59
N SER A 137 1.92 6.17 -3.02
CA SER A 137 0.63 6.45 -3.62
C SER A 137 -0.50 5.63 -3.00
N LEU A 138 -1.70 6.22 -3.01
CA LEU A 138 -2.91 5.53 -2.61
C LEU A 138 -3.87 5.50 -3.80
N TRP A 139 -4.12 4.29 -4.31
CA TRP A 139 -5.02 4.07 -5.43
C TRP A 139 -6.47 3.94 -4.98
N THR A 140 -7.36 4.67 -5.64
CA THR A 140 -8.78 4.59 -5.35
C THR A 140 -9.57 4.22 -6.60
N ARG A 141 -10.82 3.82 -6.38
CA ARG A 141 -11.62 3.13 -7.36
C ARG A 141 -12.23 4.01 -8.46
N ASP A 142 -12.63 5.22 -8.09
CA ASP A 142 -13.45 6.05 -8.97
C ASP A 142 -12.95 7.48 -9.00
N ALA A 143 -12.29 7.84 -10.10
CA ALA A 143 -11.71 9.16 -10.24
C ALA A 143 -12.76 10.25 -10.44
N THR A 144 -14.02 9.89 -10.64
CA THR A 144 -15.05 10.89 -10.86
C THR A 144 -15.71 11.37 -9.57
N ARG A 145 -15.32 10.78 -8.44
CA ARG A 145 -15.91 11.13 -7.15
C ARG A 145 -14.98 12.05 -6.37
N ASP A 146 -14.99 13.35 -6.72
CA ASP A 146 -14.11 14.32 -6.07
C ASP A 146 -14.39 14.36 -4.57
N ASP A 147 -15.65 14.20 -4.18
CA ASP A 147 -16.00 14.25 -2.77
C ASP A 147 -15.32 13.12 -1.99
N VAL A 148 -15.38 11.90 -2.53
CA VAL A 148 -14.76 10.75 -1.90
C VAL A 148 -13.24 10.91 -1.85
N ASN A 149 -12.64 11.23 -2.98
CA ASN A 149 -11.20 11.29 -3.08
C ASN A 149 -10.61 12.42 -2.23
N LEU A 150 -11.33 13.54 -2.15
CA LEU A 150 -10.88 14.63 -1.28
C LEU A 150 -10.81 14.16 0.17
N ARG A 151 -11.86 13.51 0.66
CA ARG A 151 -11.86 13.05 2.04
C ARG A 151 -10.75 12.03 2.28
N ILE A 152 -10.54 11.13 1.33
CA ILE A 152 -9.47 10.15 1.43
C ILE A 152 -8.11 10.84 1.49
N GLY A 153 -7.96 11.90 0.70
CA GLY A 153 -6.72 12.66 0.65
C GLY A 153 -6.43 13.35 1.97
N GLN A 154 -7.49 13.87 2.58
CA GLN A 154 -7.35 14.56 3.87
C GLN A 154 -6.91 13.60 4.97
N VAL A 155 -7.47 12.40 4.98
CA VAL A 155 -7.06 11.39 5.96
C VAL A 155 -5.61 10.99 5.70
N LEU A 156 -5.26 10.83 4.42
CA LEU A 156 -3.91 10.48 4.01
C LEU A 156 -2.90 11.50 4.55
N LYS A 157 -3.17 12.79 4.34
CA LYS A 157 -2.22 13.80 4.79
C LYS A 157 -2.13 13.81 6.31
N GLN A 158 -3.25 13.58 6.98
CA GLN A 158 -3.26 13.58 8.44
C GLN A 158 -2.49 12.38 9.00
N LYS A 159 -2.77 11.19 8.48
CA LYS A 159 -2.13 9.98 8.98
C LYS A 159 -0.62 9.94 8.75
N LEU A 160 -0.14 10.55 7.66
CA LEU A 160 1.26 10.50 7.30
C LEU A 160 2.03 11.73 7.79
N SER A 161 1.33 12.64 8.45
CA SER A 161 1.93 13.88 8.95
C SER A 161 2.60 14.65 7.81
N ILE A 162 1.89 14.78 6.71
CA ILE A 162 2.39 15.52 5.56
C ILE A 162 2.11 17.01 5.80
N PRO A 163 3.12 17.88 5.59
CA PRO A 163 2.92 19.30 5.87
C PRO A 163 1.92 19.94 4.90
N ASP A 164 1.16 20.92 5.36
CA ASP A 164 0.18 21.61 4.54
C ASP A 164 0.81 22.18 3.27
N THR A 165 2.09 22.51 3.34
CA THR A 165 2.78 23.14 2.23
C THR A 165 3.11 22.15 1.12
N GLU A 166 3.17 20.87 1.45
CA GLU A 166 3.36 19.85 0.41
C GLU A 166 2.00 19.57 -0.23
N ILE A 167 1.87 19.98 -1.49
CA ILE A 167 0.62 19.85 -2.20
C ILE A 167 0.54 18.50 -2.88
N LEU A 168 -0.39 17.66 -2.42
CA LEU A 168 -0.59 16.35 -3.00
C LEU A 168 -1.44 16.45 -4.25
N ARG A 169 -1.14 15.60 -5.22
CA ARG A 169 -1.85 15.54 -6.48
C ARG A 169 -2.66 14.25 -6.57
N TYR A 170 -3.92 14.39 -6.99
CA TYR A 170 -4.69 13.21 -7.39
C TYR A 170 -4.63 13.08 -8.92
N GLU A 171 -4.07 11.96 -9.37
CA GLU A 171 -3.88 11.68 -10.79
C GLU A 171 -4.78 10.55 -11.28
N VAL A 172 -5.42 10.78 -12.43
CA VAL A 172 -6.30 9.79 -13.03
C VAL A 172 -5.46 8.76 -13.79
N HIS A 173 -5.78 7.48 -13.61
CA HIS A 173 -4.98 6.43 -14.23
C HIS A 173 -5.00 6.52 -15.75
N LYS A 174 -6.18 6.82 -16.30
CA LYS A 174 -6.31 6.94 -17.76
C LYS A 174 -5.34 7.97 -18.32
N ASP A 175 -5.06 9.01 -17.55
CA ASP A 175 -4.08 10.01 -17.97
C ASP A 175 -2.65 9.50 -17.81
N SER A 176 -2.40 8.78 -16.71
CA SER A 176 -1.10 8.17 -16.47
C SER A 176 -0.75 7.15 -17.54
N SER A 177 -1.79 6.49 -18.05
CA SER A 177 -1.63 5.45 -19.07
C SER A 177 -1.28 6.07 -20.43
N ALA A 178 -1.79 7.27 -20.67
CA ALA A 178 -1.50 7.99 -21.91
C ALA A 178 -0.30 8.90 -21.73
N LYS A 185 -1.38 16.07 -15.59
CA LYS A 185 -2.18 17.13 -15.02
C LYS A 185 -3.11 16.58 -13.94
N PRO A 186 -3.02 17.11 -12.70
CA PRO A 186 -3.83 16.56 -11.59
C PRO A 186 -5.30 16.96 -11.65
N ARG A 187 -6.18 16.03 -11.30
CA ARG A 187 -7.61 16.31 -11.20
C ARG A 187 -7.94 17.05 -9.90
N ILE A 188 -7.20 16.72 -8.84
CA ILE A 188 -7.36 17.35 -7.53
C ILE A 188 -5.99 17.68 -6.96
N CYS A 189 -5.93 18.75 -6.18
CA CYS A 189 -4.72 19.12 -5.44
C CYS A 189 -5.08 19.37 -3.98
N LEU A 190 -4.21 18.93 -3.07
CA LEU A 190 -4.47 19.10 -1.64
C LEU A 190 -3.19 19.48 -0.89
N GLY B 1 -26.40 -7.12 10.65
CA GLY B 1 -25.03 -7.61 10.65
C GLY B 1 -24.12 -6.73 11.48
N PRO B 2 -22.85 -7.14 11.62
CA PRO B 2 -21.86 -6.41 12.43
C PRO B 2 -21.32 -5.15 11.74
N HIS B 3 -20.61 -4.33 12.51
CA HIS B 3 -19.92 -3.14 11.99
C HIS B 3 -18.62 -3.51 11.28
N MET B 4 -18.11 -2.59 10.47
CA MET B 4 -16.75 -2.65 9.95
C MET B 4 -15.77 -2.91 11.08
N ILE B 5 -14.76 -3.72 10.82
CA ILE B 5 -13.71 -3.94 11.81
C ILE B 5 -12.61 -2.96 11.53
N ARG B 6 -12.32 -2.12 12.52
CA ARG B 6 -11.29 -1.09 12.40
C ARG B 6 -10.27 -1.24 13.50
N TYR B 7 -9.03 -0.83 13.19
CA TYR B 7 -7.96 -0.79 14.17
C TYR B 7 -7.25 0.54 14.00
N ASN B 8 -7.30 1.38 15.03
CA ASN B 8 -6.57 2.63 14.94
C ASN B 8 -5.08 2.34 15.15
N ARG B 9 -4.27 3.35 14.90
CA ARG B 9 -2.82 3.24 14.94
C ARG B 9 -2.29 2.68 16.27
N ASP B 10 -2.80 3.19 17.38
CA ASP B 10 -2.36 2.73 18.69
C ASP B 10 -2.63 1.24 18.89
N THR B 11 -3.79 0.79 18.45
CA THR B 11 -4.15 -0.62 18.64
C THR B 11 -3.22 -1.51 17.81
N LEU B 12 -2.94 -1.12 16.57
CA LEU B 12 -2.04 -1.91 15.73
C LEU B 12 -0.64 -1.92 16.29
N MET B 13 -0.17 -0.78 16.78
CA MET B 13 1.20 -0.69 17.28
CA MET B 13 1.20 -0.70 17.28
C MET B 13 1.39 -1.51 18.56
N THR B 14 0.37 -1.54 19.42
CA THR B 14 0.45 -2.32 20.64
CA THR B 14 0.46 -2.32 20.64
C THR B 14 0.46 -3.81 20.30
N ALA B 15 -0.21 -4.18 19.23
CA ALA B 15 -0.33 -5.59 18.85
C ALA B 15 0.93 -6.09 18.17
N ARG B 16 1.80 -5.18 17.78
CA ARG B 16 3.03 -5.54 17.08
C ARG B 16 3.98 -6.33 17.99
N ASP B 17 4.35 -7.52 17.56
CA ASP B 17 5.31 -8.35 18.29
C ASP B 17 6.70 -7.76 18.10
N ALA B 21 10.23 -13.16 16.76
CA ALA B 21 9.15 -14.12 16.57
C ALA B 21 9.18 -14.69 15.15
N PRO B 22 9.12 -16.02 15.02
CA PRO B 22 9.10 -16.59 13.66
C PRO B 22 7.83 -16.21 12.91
N ILE B 23 7.86 -16.34 11.58
CA ILE B 23 6.66 -16.09 10.79
C ILE B 23 6.03 -17.42 10.46
N PRO B 24 4.75 -17.41 10.08
CA PRO B 24 4.09 -18.67 9.71
C PRO B 24 4.86 -19.33 8.57
N ASP B 25 5.01 -20.65 8.63
CA ASP B 25 5.85 -21.33 7.65
C ASP B 25 5.31 -21.13 6.24
N GLU B 26 3.98 -21.04 6.09
CA GLU B 26 3.39 -20.87 4.76
C GLU B 26 3.83 -19.54 4.16
N MET B 27 3.92 -18.52 5.00
CA MET B 27 4.36 -17.20 4.58
C MET B 27 5.84 -17.20 4.17
N LEU B 28 6.67 -17.85 4.98
CA LEU B 28 8.08 -18.03 4.68
C LEU B 28 8.27 -18.70 3.33
N GLN B 29 7.49 -19.75 3.09
CA GLN B 29 7.57 -20.51 1.84
C GLN B 29 7.26 -19.61 0.64
N GLU B 30 6.20 -18.83 0.79
CA GLU B 30 5.72 -18.00 -0.31
C GLU B 30 6.73 -16.90 -0.64
N ILE B 31 7.25 -16.23 0.38
CA ILE B 31 8.19 -15.15 0.14
C ILE B 31 9.47 -15.70 -0.47
N ASN B 32 9.97 -16.80 0.07
CA ASN B 32 11.21 -17.36 -0.44
C ASN B 32 11.06 -17.83 -1.88
N ARG B 33 9.89 -18.36 -2.23
CA ARG B 33 9.68 -18.90 -3.56
C ARG B 33 9.58 -17.81 -4.64
N VAL B 34 8.93 -16.69 -4.34
CA VAL B 34 8.67 -15.68 -5.39
CA VAL B 34 8.67 -15.68 -5.38
C VAL B 34 9.49 -14.41 -5.22
N ALA B 35 9.90 -14.10 -4.00
CA ALA B 35 10.68 -12.90 -3.74
C ALA B 35 11.76 -13.11 -2.69
N PRO B 36 12.68 -14.05 -2.96
CA PRO B 36 13.70 -14.41 -1.96
C PRO B 36 14.54 -13.24 -1.51
N ASP B 37 14.73 -12.26 -2.39
CA ASP B 37 15.62 -11.16 -2.07
C ASP B 37 15.06 -10.18 -1.01
N ILE B 38 13.75 -10.19 -0.76
CA ILE B 38 13.21 -9.26 0.24
C ILE B 38 13.09 -9.91 1.63
N LEU B 39 13.29 -11.23 1.70
CA LEU B 39 13.07 -11.96 2.95
C LEU B 39 14.14 -11.63 3.99
N ILE B 40 13.69 -11.35 5.21
CA ILE B 40 14.57 -11.21 6.37
C ILE B 40 14.02 -12.12 7.47
N ALA B 41 14.53 -13.35 7.55
CA ALA B 41 13.96 -14.33 8.49
C ALA B 41 14.89 -15.49 8.88
#